data_5RC8
#
_entry.id   5RC8
#
_cell.length_a   45.195
_cell.length_b   72.971
_cell.length_c   52.423
_cell.angle_alpha   90.000
_cell.angle_beta   109.100
_cell.angle_gamma   90.000
#
_symmetry.space_group_name_H-M   'P 1 21 1'
#
loop_
_entity.id
_entity.type
_entity.pdbx_description
1 polymer Endothiapepsin
2 non-polymer 'methyl [3-(aminomethyl)phenoxy]acetate'
3 non-polymer 'DIMETHYL SULFOXIDE'
4 non-polymer GLYCEROL
5 non-polymer 'ACETATE ION'
6 non-polymer 'TETRAETHYLENE GLYCOL'
7 non-polymer 'SODIUM ION'
8 water water
#
_entity_poly.entity_id   1
_entity_poly.type   'polypeptide(L)'
_entity_poly.pdbx_seq_one_letter_code
;MSSPLKNALVTAMLAGGALSSPTKQHVGIPVNASPEVGPGKYSFKQVRNPNYKFNGPLSVKKTYLKYGVPIPAWLEDAVQ
NSTSGLAERSTGSATTTPIDSLDDAYITPVQIGTPAQTLNLDFDTGSSDLWVFSSETTASEVDGQTIYTPSKSTTAKLLS
GATWSISYGDGSSSSGDVYTDTVSVGGLTVTGQAVESAKKVSSSFTEDSTIDGLLGLAFSTLNTVSPTQQKTFFDNAKAS
LDSPVFTADLGYHAPGTYNFGFIDTTAYTGSITYTAVSTKQGFWEWTSTGYAVGSGTFKSTSIDGIADTGTTLLYLPATV
VSAYWAQVSGAKSSSSVGGYVFPCSATLPSFTFGVGSARIVIPGDYIDFGPISTGSSSCFGGIQSSAGIGINIFGDVALK
AAFVVFNGATTPTLGFASK
;
_entity_poly.pdbx_strand_id   A
#
loop_
_chem_comp.id
_chem_comp.type
_chem_comp.name
_chem_comp.formula
ACT non-polymer 'ACETATE ION' 'C2 H3 O2 -1'
DMS non-polymer 'DIMETHYL SULFOXIDE' 'C2 H6 O S'
GOL non-polymer GLYCEROL 'C3 H8 O3'
NA non-polymer 'SODIUM ION' 'Na 1'
PG4 non-polymer 'TETRAETHYLENE GLYCOL' 'C8 H18 O5'
RCV non-polymer 'methyl [3-(aminomethyl)phenoxy]acetate' 'C10 H13 N O3'
#
# COMPACT_ATOMS: atom_id res chain seq x y z
N SER A 90 11.37 -6.31 -21.52
CA SER A 90 11.70 -7.08 -20.27
C SER A 90 10.43 -7.23 -19.41
N THR A 91 10.50 -8.18 -18.53
CA THR A 91 9.45 -8.39 -17.50
C THR A 91 10.12 -8.81 -16.22
N GLY A 92 9.37 -8.77 -15.14
CA GLY A 92 9.76 -9.41 -13.88
C GLY A 92 8.56 -10.00 -13.20
N SER A 93 8.78 -10.97 -12.34
CA SER A 93 7.70 -11.64 -11.61
C SER A 93 8.22 -12.10 -10.27
N ALA A 94 7.67 -11.64 -9.17
CA ALA A 94 8.15 -11.99 -7.84
C ALA A 94 6.99 -12.39 -6.99
N THR A 95 7.21 -13.35 -6.12
CA THR A 95 6.21 -13.76 -5.14
C THR A 95 6.23 -12.84 -3.94
N THR A 96 5.06 -12.47 -3.47
CA THR A 96 4.90 -11.64 -2.26
C THR A 96 4.21 -12.45 -1.20
N THR A 97 4.69 -12.37 0.04
CA THR A 97 4.32 -13.32 1.11
C THR A 97 3.82 -12.51 2.29
N PRO A 98 2.63 -12.80 2.89
N PRO A 98 2.75 -12.95 2.94
N PRO A 98 2.64 -12.84 2.88
N PRO A 98 2.70 -12.92 2.93
CA PRO A 98 2.26 -12.13 4.12
CA PRO A 98 2.30 -12.26 4.15
CA PRO A 98 2.22 -12.20 4.12
CA PRO A 98 2.24 -12.22 4.13
C PRO A 98 3.28 -12.33 5.24
C PRO A 98 3.34 -12.36 5.27
C PRO A 98 3.24 -12.35 5.26
C PRO A 98 3.26 -12.36 5.26
N ILE A 99 3.48 -11.28 6.01
CA ILE A 99 4.48 -11.29 7.11
C ILE A 99 3.94 -12.04 8.30
N ASP A 100 2.67 -12.26 8.43
CA ASP A 100 2.07 -12.88 9.62
C ASP A 100 0.74 -13.46 9.27
N SER A 101 0.08 -14.07 10.26
CA SER A 101 -1.16 -14.80 10.04
C SER A 101 -2.36 -13.88 9.77
N LEU A 102 -2.20 -12.59 9.90
CA LEU A 102 -3.29 -11.63 9.66
C LEU A 102 -3.17 -10.92 8.33
N ASP A 103 -2.12 -11.18 7.56
N ASP A 103 -2.12 -11.18 7.56
N ASP A 103 -2.13 -11.22 7.54
N ASP A 103 -2.13 -11.22 7.54
CA ASP A 103 -1.84 -10.43 6.32
CA ASP A 103 -1.85 -10.42 6.32
CA ASP A 103 -1.77 -10.47 6.32
CA ASP A 103 -1.78 -10.49 6.31
C ASP A 103 -1.64 -8.95 6.66
C ASP A 103 -1.64 -8.96 6.67
C ASP A 103 -1.60 -8.99 6.65
C ASP A 103 -1.62 -9.01 6.64
N ASP A 104 -0.92 -8.66 7.72
N ASP A 104 -0.91 -8.66 7.72
N ASP A 104 -0.83 -8.70 7.69
N ASP A 104 -0.83 -8.70 7.67
CA ASP A 104 -0.69 -7.23 8.07
CA ASP A 104 -0.70 -7.24 8.06
CA ASP A 104 -0.66 -7.31 8.20
CA ASP A 104 -0.68 -7.33 8.19
C ASP A 104 0.05 -6.49 6.95
C ASP A 104 0.05 -6.50 6.94
C ASP A 104 0.26 -6.50 7.29
C ASP A 104 0.25 -6.50 7.28
N ALA A 105 0.92 -7.19 6.26
N ALA A 105 0.93 -7.20 6.26
N ALA A 105 1.10 -7.17 6.51
N ALA A 105 1.11 -7.17 6.50
CA ALA A 105 1.68 -6.63 5.15
CA ALA A 105 1.68 -6.63 5.15
CA ALA A 105 1.94 -6.61 5.42
CA ALA A 105 1.94 -6.61 5.42
C ALA A 105 2.27 -7.80 4.43
C ALA A 105 2.27 -7.80 4.43
C ALA A 105 2.40 -7.76 4.53
C ALA A 105 2.40 -7.76 4.53
N TYR A 106 2.87 -7.49 3.31
CA TYR A 106 3.44 -8.49 2.41
C TYR A 106 4.87 -8.11 2.10
N ILE A 107 5.74 -9.09 2.05
CA ILE A 107 7.15 -8.86 1.70
C ILE A 107 7.51 -9.59 0.43
N THR A 108 8.38 -8.95 -0.34
CA THR A 108 8.81 -9.44 -1.66
C THR A 108 10.33 -9.37 -1.66
N PRO A 109 11.04 -10.42 -2.08
CA PRO A 109 12.49 -10.36 -2.09
C PRO A 109 12.97 -9.48 -3.23
N VAL A 110 13.98 -8.68 -2.93
CA VAL A 110 14.58 -7.73 -3.86
C VAL A 110 16.10 -7.89 -3.81
N GLN A 111 16.74 -8.00 -4.96
CA GLN A 111 18.19 -8.09 -5.02
C GLN A 111 18.79 -6.70 -5.19
N ILE A 112 19.71 -6.34 -4.33
CA ILE A 112 20.37 -5.01 -4.39
C ILE A 112 21.88 -5.24 -4.43
N GLY A 113 22.53 -4.60 -5.36
CA GLY A 113 24.00 -4.58 -5.34
C GLY A 113 24.62 -5.74 -6.07
N THR A 114 25.96 -5.73 -6.04
CA THR A 114 26.78 -6.76 -6.71
C THR A 114 27.93 -7.15 -5.80
N PRO A 115 28.06 -8.39 -5.36
CA PRO A 115 27.07 -9.46 -5.53
C PRO A 115 25.74 -9.09 -4.85
N ALA A 116 24.68 -9.76 -5.25
CA ALA A 116 23.35 -9.44 -4.78
C ALA A 116 23.27 -9.55 -3.28
N GLN A 117 22.59 -8.59 -2.69
CA GLN A 117 22.15 -8.65 -1.30
C GLN A 117 20.62 -8.72 -1.35
N THR A 118 20.02 -9.76 -0.87
CA THR A 118 18.57 -9.93 -0.98
C THR A 118 17.93 -9.43 0.29
N LEU A 119 17.05 -8.43 0.16
CA LEU A 119 16.28 -7.87 1.24
C LEU A 119 14.80 -8.07 0.96
N ASN A 120 14.02 -8.27 1.99
CA ASN A 120 12.58 -8.45 1.85
C ASN A 120 11.85 -7.14 2.08
N LEU A 121 11.33 -6.58 1.00
CA LEU A 121 10.77 -5.22 1.04
C LEU A 121 9.26 -5.27 0.95
N ASP A 122 8.66 -4.27 1.54
CA ASP A 122 7.22 -4.03 1.49
C ASP A 122 6.91 -3.15 0.29
N PHE A 123 6.33 -3.71 -0.74
CA PHE A 123 6.00 -2.96 -1.97
C PHE A 123 4.78 -2.09 -1.67
N ASP A 124 4.92 -0.79 -1.86
N ASP A 124 4.92 -0.79 -1.86
N ASP A 124 4.91 -0.79 -1.86
N ASP A 124 4.91 -0.79 -1.86
CA ASP A 124 3.92 0.16 -1.37
CA ASP A 124 3.92 0.16 -1.37
CA ASP A 124 3.98 0.23 -1.32
CA ASP A 124 3.98 0.23 -1.32
C ASP A 124 3.49 1.11 -2.48
C ASP A 124 3.48 1.09 -2.48
C ASP A 124 3.49 1.12 -2.47
C ASP A 124 3.49 1.12 -2.47
N THR A 125 2.32 0.84 -3.03
CA THR A 125 1.75 1.70 -4.08
C THR A 125 1.28 3.03 -3.55
N GLY A 126 1.39 3.27 -2.26
N GLY A 126 1.38 3.27 -2.26
N GLY A 126 1.46 3.29 -2.25
N GLY A 126 1.46 3.29 -2.25
CA GLY A 126 1.04 4.58 -1.68
CA GLY A 126 1.05 4.58 -1.69
CA GLY A 126 1.12 4.57 -1.57
CA GLY A 126 1.12 4.57 -1.57
C GLY A 126 2.23 5.45 -1.36
C GLY A 126 2.23 5.45 -1.36
C GLY A 126 2.33 5.35 -1.08
C GLY A 126 2.33 5.35 -1.08
N SER A 127 3.44 5.06 -1.72
N SER A 127 3.45 5.07 -1.72
N SER A 127 3.51 5.09 -1.64
N SER A 127 3.51 5.09 -1.64
CA SER A 127 4.62 5.94 -1.51
CA SER A 127 4.62 5.94 -1.51
CA SER A 127 4.71 5.90 -1.38
CA SER A 127 4.71 5.90 -1.38
C SER A 127 5.65 5.70 -2.59
C SER A 127 5.65 5.70 -2.59
C SER A 127 5.66 5.70 -2.55
C SER A 127 5.66 5.70 -2.55
N SER A 128 6.72 6.48 -2.58
CA SER A 128 7.59 6.58 -3.76
C SER A 128 9.04 6.55 -3.43
N ASP A 129 9.39 6.02 -2.27
N ASP A 129 9.39 6.02 -2.27
N ASP A 129 9.40 6.02 -2.25
N ASP A 129 9.40 6.02 -2.25
CA ASP A 129 10.79 5.87 -1.87
CA ASP A 129 10.79 5.87 -1.87
CA ASP A 129 10.80 5.90 -1.76
CA ASP A 129 10.80 5.90 -1.76
C ASP A 129 11.11 4.38 -1.80
C ASP A 129 11.11 4.38 -1.80
C ASP A 129 11.18 4.42 -1.62
C ASP A 129 11.18 4.42 -1.62
N LEU A 130 12.31 4.03 -2.24
CA LEU A 130 12.86 2.69 -2.04
C LEU A 130 13.89 2.88 -0.97
N TRP A 131 13.58 2.48 0.26
N TRP A 131 13.59 2.47 0.26
N TRP A 131 13.58 2.48 0.26
N TRP A 131 13.58 2.48 0.26
CA TRP A 131 14.53 2.65 1.37
CA TRP A 131 14.54 2.64 1.37
CA TRP A 131 14.49 2.70 1.41
CA TRP A 131 14.49 2.70 1.41
C TRP A 131 14.73 1.32 2.06
C TRP A 131 14.73 1.32 2.06
C TRP A 131 14.68 1.39 2.17
C TRP A 131 14.68 1.39 2.17
N VAL A 132 15.90 1.19 2.66
CA VAL A 132 16.33 -0.07 3.27
C VAL A 132 17.00 0.18 4.60
N PHE A 133 16.81 -0.77 5.50
CA PHE A 133 17.73 -0.95 6.64
C PHE A 133 19.11 -1.18 6.04
N SER A 134 20.11 -0.64 6.72
CA SER A 134 21.45 -0.62 6.16
C SER A 134 22.50 -0.71 7.26
N SER A 135 23.74 -0.81 6.78
CA SER A 135 24.95 -0.72 7.66
C SER A 135 25.03 0.66 8.28
N GLU A 136 24.26 1.64 7.87
CA GLU A 136 24.27 3.01 8.41
C GLU A 136 23.18 3.16 9.44
N THR A 137 22.24 2.23 9.55
CA THR A 137 21.09 2.41 10.45
C THR A 137 21.61 2.34 11.92
N THR A 138 21.23 3.33 12.69
CA THR A 138 21.51 3.36 14.15
C THR A 138 21.34 1.98 14.74
N ALA A 139 22.36 1.43 15.38
CA ALA A 139 22.39 0.01 15.76
C ALA A 139 21.20 -0.34 16.67
N SER A 140 20.83 0.53 17.61
CA SER A 140 19.73 0.26 18.55
C SER A 140 18.37 0.24 17.84
N GLU A 141 18.31 0.65 16.57
CA GLU A 141 17.04 0.67 15.81
C GLU A 141 16.97 -0.51 14.86
N VAL A 142 17.92 -1.40 14.89
CA VAL A 142 17.88 -2.62 14.06
C VAL A 142 17.62 -3.78 15.03
N ASP A 143 16.64 -4.59 14.75
CA ASP A 143 16.29 -5.78 15.57
C ASP A 143 15.83 -6.93 14.66
N GLY A 144 16.75 -7.57 14.00
CA GLY A 144 16.46 -8.78 13.23
C GLY A 144 16.39 -8.54 11.74
N GLN A 145 16.32 -7.29 11.28
CA GLN A 145 16.21 -7.01 9.81
C GLN A 145 17.49 -7.41 9.14
N THR A 146 17.41 -7.78 7.87
CA THR A 146 18.55 -7.90 6.99
C THR A 146 18.92 -6.50 6.51
N ILE A 147 20.16 -6.19 6.51
CA ILE A 147 20.66 -4.85 6.13
C ILE A 147 21.36 -4.88 4.79
N TYR A 148 21.25 -3.76 4.09
CA TYR A 148 22.04 -3.46 2.89
C TYR A 148 23.37 -2.81 3.33
N THR A 149 24.47 -3.33 2.83
CA THR A 149 25.82 -2.77 3.13
C THR A 149 26.41 -2.27 1.84
N PRO A 150 26.31 -0.98 1.52
CA PRO A 150 26.79 -0.49 0.25
C PRO A 150 28.29 -0.73 0.03
N SER A 151 29.06 -0.75 1.10
CA SER A 151 30.52 -0.91 0.95
C SER A 151 30.84 -2.30 0.45
N LYS A 152 29.93 -3.26 0.50
CA LYS A 152 30.16 -4.61 -0.03
C LYS A 152 29.62 -4.76 -1.44
N SER A 153 29.09 -3.71 -2.04
CA SER A 153 28.56 -3.76 -3.40
C SER A 153 29.49 -3.03 -4.33
N THR A 154 29.95 -3.70 -5.33
CA THR A 154 30.90 -3.12 -6.29
C THR A 154 30.22 -2.12 -7.16
N THR A 155 28.89 -2.11 -7.23
CA THR A 155 28.12 -1.20 -8.10
C THR A 155 27.49 -0.04 -7.29
N ALA A 156 27.65 -0.02 -5.98
CA ALA A 156 27.07 1.05 -5.17
C ALA A 156 27.89 2.34 -5.36
N LYS A 157 27.22 3.47 -5.38
N LYS A 157 27.21 3.45 -5.47
N LYS A 157 27.23 3.46 -5.39
N LYS A 157 27.21 3.45 -5.48
CA LYS A 157 27.91 4.77 -5.45
CA LYS A 157 27.80 4.81 -5.56
CA LYS A 157 27.91 4.77 -5.46
CA LYS A 157 27.80 4.81 -5.56
C LYS A 157 27.08 5.78 -4.68
C LYS A 157 27.05 5.70 -4.57
C LYS A 157 27.08 5.78 -4.68
C LYS A 157 27.05 5.70 -4.57
N LEU A 158 27.72 6.45 -3.74
CA LEU A 158 27.04 7.46 -2.91
C LEU A 158 26.45 8.47 -3.88
N LEU A 159 25.22 8.85 -3.68
CA LEU A 159 24.58 9.96 -4.40
C LEU A 159 24.88 11.19 -3.54
N SER A 160 25.99 11.85 -3.88
N SER A 160 25.94 11.90 -3.93
N SER A 160 25.99 11.85 -3.88
N SER A 160 25.94 11.90 -3.93
CA SER A 160 26.59 12.84 -2.96
CA SER A 160 26.57 12.94 -3.11
CA SER A 160 26.59 12.84 -2.96
CA SER A 160 26.58 12.95 -3.12
C SER A 160 25.63 13.99 -2.69
C SER A 160 25.57 14.03 -2.71
C SER A 160 25.63 13.99 -2.69
C SER A 160 25.57 14.03 -2.71
N GLY A 161 25.43 14.27 -1.40
CA GLY A 161 24.63 15.38 -0.93
C GLY A 161 23.18 15.04 -0.77
N ALA A 162 22.74 13.90 -1.29
CA ALA A 162 21.29 13.59 -1.28
C ALA A 162 20.88 13.02 0.10
N THR A 163 19.77 13.51 0.58
CA THR A 163 19.16 12.97 1.82
C THR A 163 17.70 12.72 1.56
N TRP A 164 17.09 11.99 2.50
N TRP A 164 17.09 11.99 2.50
N TRP A 164 17.06 12.00 2.47
N TRP A 164 17.06 12.00 2.47
CA TRP A 164 15.67 11.63 2.40
CA TRP A 164 15.67 11.63 2.40
CA TRP A 164 15.61 11.78 2.36
CA TRP A 164 15.61 11.78 2.36
C TRP A 164 15.07 11.57 3.80
C TRP A 164 15.07 11.58 3.80
C TRP A 164 15.07 11.57 3.76
C TRP A 164 15.07 11.57 3.76
N SER A 165 13.78 11.81 3.87
CA SER A 165 13.07 11.76 5.14
C SER A 165 11.61 11.63 4.81
N ILE A 166 10.98 10.60 5.38
N ILE A 166 10.99 10.61 5.38
N ILE A 166 10.99 10.59 5.37
N ILE A 166 10.99 10.59 5.37
CA ILE A 166 9.58 10.29 5.06
CA ILE A 166 9.58 10.29 5.06
CA ILE A 166 9.59 10.21 5.05
CA ILE A 166 9.59 10.21 5.05
C ILE A 166 8.81 9.93 6.33
C ILE A 166 8.82 9.92 6.33
C ILE A 166 8.77 10.19 6.33
C ILE A 166 8.77 10.19 6.33
N SER A 167 7.55 10.34 6.32
N SER A 167 7.55 10.30 6.31
N SER A 167 7.52 10.65 6.21
N SER A 167 7.52 10.66 6.22
CA SER A 167 6.54 10.04 7.36
CA SER A 167 6.57 9.97 7.36
CA SER A 167 6.47 10.61 7.26
CA SER A 167 6.47 10.61 7.26
C SER A 167 5.38 9.34 6.69
C SER A 167 5.38 9.32 6.68
C SER A 167 5.22 9.97 6.67
C SER A 167 5.22 9.97 6.67
N TYR A 168 4.86 8.29 7.31
N TYR A 168 4.84 8.29 7.31
N TYR A 168 4.91 8.72 7.03
N TYR A 168 4.91 8.72 7.03
CA TYR A 168 3.74 7.49 6.76
CA TYR A 168 3.73 7.48 6.75
CA TYR A 168 3.76 7.98 6.46
CA TYR A 168 3.77 7.99 6.46
C TYR A 168 2.46 7.77 7.55
C TYR A 168 2.44 7.77 7.53
C TYR A 168 2.48 8.37 7.21
C TYR A 168 2.48 8.37 7.21
N GLY A 169 1.34 7.34 6.96
N GLY A 169 1.32 7.34 6.95
N GLY A 169 1.34 8.05 6.60
N GLY A 169 1.34 8.05 6.60
CA GLY A 169 -0.02 7.59 7.47
CA GLY A 169 -0.03 7.57 7.46
CA GLY A 169 0.01 8.38 7.14
CA GLY A 169 0.01 8.38 7.14
C GLY A 169 -0.23 7.08 8.89
C GLY A 169 -0.25 7.05 8.86
C GLY A 169 -0.23 7.82 8.53
C GLY A 169 -0.23 7.82 8.53
N ASP A 170 0.61 6.14 9.35
N ASP A 170 0.60 6.12 9.32
N ASP A 170 0.41 6.70 8.87
N ASP A 170 0.41 6.70 8.87
CA ASP A 170 0.47 5.48 10.68
CA ASP A 170 0.47 5.46 10.65
CA ASP A 170 0.26 6.02 10.19
CA ASP A 170 0.26 6.02 10.19
C ASP A 170 1.40 6.14 11.70
C ASP A 170 1.37 6.13 11.68
C ASP A 170 1.19 6.69 11.22
C ASP A 170 1.19 6.69 11.22
N GLY A 171 2.08 7.23 11.33
N GLY A 171 2.06 7.22 11.33
N GLY A 171 1.90 7.75 10.79
N GLY A 171 1.90 7.75 10.79
CA GLY A 171 2.98 7.95 12.25
CA GLY A 171 2.96 7.93 12.25
CA GLY A 171 2.81 8.55 11.64
CA GLY A 171 2.81 8.55 11.64
C GLY A 171 4.40 7.42 12.24
C GLY A 171 4.39 7.41 12.23
C GLY A 171 4.18 7.92 11.76
C GLY A 171 4.18 7.92 11.76
N SER A 172 4.70 6.39 11.44
N SER A 172 4.70 6.39 11.42
N SER A 172 4.41 6.77 11.12
N SER A 172 4.41 6.77 11.12
CA SER A 172 6.06 5.81 11.33
CA SER A 172 6.07 5.82 11.33
CA SER A 172 5.75 6.14 11.09
CA SER A 172 5.75 6.14 11.09
C SER A 172 6.89 6.70 10.40
C SER A 172 6.90 6.70 10.40
C SER A 172 6.68 7.04 10.27
C SER A 172 6.68 7.04 10.27
N SER A 173 8.21 6.59 10.52
N SER A 173 8.21 6.59 10.51
N SER A 173 7.98 6.86 10.40
N SER A 173 7.98 6.86 10.40
CA SER A 173 9.10 7.46 9.72
CA SER A 173 9.10 7.46 9.71
CA SER A 173 9.00 7.74 9.80
CA SER A 173 9.00 7.74 9.80
C SER A 173 10.48 6.85 9.63
C SER A 173 10.48 6.85 9.63
C SER A 173 10.30 6.99 9.56
C SER A 173 10.30 6.99 9.56
N SER A 174 11.23 7.35 8.66
N SER A 174 11.23 7.35 8.66
N SER A 174 11.16 7.54 8.70
N SER A 174 11.16 7.54 8.71
CA SER A 174 12.63 6.97 8.49
CA SER A 174 12.63 6.97 8.49
CA SER A 174 12.49 6.99 8.38
CA SER A 174 12.49 6.99 8.38
C SER A 174 13.31 8.08 7.70
C SER A 174 13.30 8.09 7.70
C SER A 174 13.27 8.10 7.67
C SER A 174 13.27 8.10 7.67
N SER A 175 14.61 8.06 7.74
CA SER A 175 15.43 9.06 7.02
C SER A 175 16.85 8.58 6.88
N GLY A 176 17.56 9.19 5.94
CA GLY A 176 18.95 8.83 5.76
C GLY A 176 19.57 9.48 4.54
N ASP A 177 20.53 8.76 3.99
CA ASP A 177 21.27 9.22 2.78
C ASP A 177 21.00 8.26 1.63
N VAL A 178 21.69 8.41 0.51
CA VAL A 178 21.24 7.75 -0.73
C VAL A 178 22.43 7.20 -1.45
N TYR A 179 22.29 6.01 -1.99
CA TYR A 179 23.24 5.38 -2.91
C TYR A 179 22.54 5.11 -4.21
N THR A 180 23.24 5.02 -5.29
CA THR A 180 22.66 4.37 -6.47
C THR A 180 23.25 3.00 -6.56
N ASP A 181 22.45 2.03 -7.02
CA ASP A 181 22.94 0.66 -7.16
C ASP A 181 22.02 -0.07 -8.13
N THR A 182 22.42 -1.27 -8.46
CA THR A 182 21.61 -2.18 -9.31
C THR A 182 20.56 -2.84 -8.43
N VAL A 183 19.32 -2.81 -8.86
CA VAL A 183 18.20 -3.40 -8.11
C VAL A 183 17.47 -4.32 -9.06
N SER A 184 17.19 -5.55 -8.61
CA SER A 184 16.42 -6.52 -9.41
C SER A 184 15.25 -7.02 -8.65
N VAL A 185 14.12 -7.12 -9.30
CA VAL A 185 12.88 -7.67 -8.74
C VAL A 185 12.41 -8.75 -9.67
N GLY A 186 12.41 -9.99 -9.22
CA GLY A 186 11.79 -11.04 -10.02
C GLY A 186 12.43 -11.20 -11.38
N GLY A 187 13.73 -10.93 -11.49
CA GLY A 187 14.42 -11.04 -12.78
C GLY A 187 14.46 -9.77 -13.58
N LEU A 188 13.82 -8.70 -13.19
CA LEU A 188 13.84 -7.40 -13.88
C LEU A 188 14.86 -6.52 -13.19
N THR A 189 15.84 -6.04 -13.92
CA THR A 189 16.97 -5.29 -13.34
C THR A 189 16.91 -3.85 -13.74
N VAL A 190 17.13 -2.96 -12.81
CA VAL A 190 17.34 -1.51 -13.03
C VAL A 190 18.72 -1.17 -12.53
N THR A 191 19.51 -0.56 -13.40
CA THR A 191 20.78 0.02 -12.98
C THR A 191 20.59 1.48 -12.56
N GLY A 192 21.40 1.93 -11.63
CA GLY A 192 21.36 3.31 -11.19
C GLY A 192 20.11 3.63 -10.39
N GLN A 193 19.47 2.68 -9.74
CA GLN A 193 18.31 2.94 -8.89
C GLN A 193 18.75 3.65 -7.62
N ALA A 194 18.02 4.66 -7.22
CA ALA A 194 18.26 5.28 -5.91
C ALA A 194 17.82 4.31 -4.81
N VAL A 195 18.74 3.95 -3.99
CA VAL A 195 18.53 3.08 -2.81
C VAL A 195 18.77 3.96 -1.60
N GLU A 196 17.72 4.26 -0.89
CA GLU A 196 17.75 5.23 0.22
C GLU A 196 18.11 4.45 1.46
N SER A 197 19.26 4.69 2.00
CA SER A 197 19.83 3.99 3.16
C SER A 197 19.38 4.63 4.43
N ALA A 198 18.69 3.92 5.31
CA ALA A 198 18.20 4.53 6.55
C ALA A 198 19.35 4.72 7.53
N LYS A 199 19.41 5.93 8.05
CA LYS A 199 20.21 6.20 9.28
C LYS A 199 19.31 6.08 10.49
N LYS A 200 18.04 6.44 10.38
CA LYS A 200 17.09 6.42 11.49
C LYS A 200 15.81 5.79 11.00
N VAL A 201 15.20 4.99 11.86
CA VAL A 201 13.84 4.48 11.61
C VAL A 201 13.04 4.63 12.90
N SER A 202 11.75 4.77 12.78
CA SER A 202 10.87 4.85 13.97
C SER A 202 10.63 3.45 14.51
N SER A 203 10.09 3.45 15.73
CA SER A 203 9.93 2.22 16.53
C SER A 203 9.12 1.15 15.78
N SER A 204 8.10 1.53 15.06
CA SER A 204 7.25 0.54 14.37
C SER A 204 8.09 -0.26 13.37
N PHE A 205 9.07 0.37 12.72
N PHE A 205 9.07 0.37 12.73
N PHE A 205 9.04 0.39 12.69
N PHE A 205 9.04 0.39 12.69
CA PHE A 205 9.97 -0.34 11.78
CA PHE A 205 9.97 -0.34 11.78
CA PHE A 205 9.93 -0.29 11.72
CA PHE A 205 9.93 -0.29 11.72
C PHE A 205 10.88 -1.26 12.56
C PHE A 205 10.88 -1.28 12.56
C PHE A 205 10.88 -1.20 12.50
C PHE A 205 10.88 -1.20 12.50
N THR A 206 11.52 -0.75 13.60
CA THR A 206 12.45 -1.57 14.38
C THR A 206 11.75 -2.86 14.85
N GLU A 207 10.55 -2.69 15.32
CA GLU A 207 9.76 -3.77 15.96
C GLU A 207 9.32 -4.79 14.92
N ASP A 208 9.32 -4.49 13.64
CA ASP A 208 8.91 -5.45 12.61
C ASP A 208 10.15 -6.08 11.97
N SER A 209 10.62 -7.18 12.50
CA SER A 209 11.88 -7.82 12.04
C SER A 209 11.74 -8.36 10.62
N THR A 210 10.52 -8.54 10.15
CA THR A 210 10.25 -9.21 8.84
C THR A 210 10.38 -8.23 7.68
N ILE A 211 10.36 -6.94 7.91
CA ILE A 211 10.37 -5.94 6.82
C ILE A 211 11.72 -5.24 6.80
N ASP A 212 12.46 -5.41 5.72
CA ASP A 212 13.83 -4.84 5.60
C ASP A 212 13.82 -3.48 4.94
N GLY A 213 12.66 -2.97 4.57
CA GLY A 213 12.52 -1.68 3.90
C GLY A 213 11.30 -1.67 3.04
N LEU A 214 11.17 -0.59 2.29
N LEU A 214 11.17 -0.60 2.29
N LEU A 214 11.03 -0.54 2.39
N LEU A 214 11.03 -0.54 2.39
CA LEU A 214 9.99 -0.32 1.45
CA LEU A 214 9.99 -0.32 1.44
CA LEU A 214 9.86 -0.33 1.49
CA LEU A 214 9.86 -0.33 1.49
C LEU A 214 10.45 -0.15 0.01
C LEU A 214 10.45 -0.14 0.00
C LEU A 214 10.34 -0.05 0.08
C LEU A 214 10.34 -0.05 0.08
N LEU A 215 9.59 -0.53 -0.91
CA LEU A 215 9.79 -0.22 -2.32
C LEU A 215 8.57 0.49 -2.78
N GLY A 216 8.67 1.80 -2.98
CA GLY A 216 7.52 2.63 -3.34
C GLY A 216 7.18 2.51 -4.82
N LEU A 217 5.88 2.47 -5.07
CA LEU A 217 5.33 2.28 -6.41
C LEU A 217 4.26 3.31 -6.74
N ALA A 218 4.14 4.36 -5.95
N ALA A 218 4.14 4.36 -5.95
N ALA A 218 4.18 4.38 -5.94
N ALA A 218 4.18 4.38 -5.94
CA ALA A 218 3.30 5.51 -6.33
CA ALA A 218 3.30 5.51 -6.33
CA ALA A 218 3.41 5.61 -6.23
CA ALA A 218 3.41 5.61 -6.23
C ALA A 218 4.09 6.37 -7.31
C ALA A 218 4.09 6.37 -7.31
C ALA A 218 4.20 6.42 -7.27
C ALA A 218 4.20 6.42 -7.27
N PHE A 219 3.65 7.60 -7.55
N PHE A 219 3.65 7.60 -7.55
N PHE A 219 3.58 7.44 -7.86
N PHE A 219 3.58 7.44 -7.86
CA PHE A 219 4.26 8.41 -8.62
CA PHE A 219 4.28 8.40 -8.62
CA PHE A 219 4.27 8.29 -8.86
CA PHE A 219 4.27 8.29 -8.86
C PHE A 219 5.54 9.04 -8.05
C PHE A 219 5.55 9.03 -8.06
C PHE A 219 5.44 9.03 -8.18
C PHE A 219 5.44 9.03 -8.18
N SER A 220 6.51 9.24 -8.95
CA SER A 220 7.83 9.73 -8.49
C SER A 220 7.79 11.15 -7.95
N THR A 221 6.74 11.88 -8.24
CA THR A 221 6.47 13.21 -7.66
C THR A 221 6.41 13.19 -6.15
N LEU A 222 6.13 12.03 -5.52
N LEU A 222 6.13 12.03 -5.52
N LEU A 222 6.16 12.04 -5.51
N LEU A 222 6.16 12.04 -5.51
CA LEU A 222 6.13 11.92 -4.04
CA LEU A 222 6.14 11.93 -4.04
CA LEU A 222 6.14 11.97 -4.02
CA LEU A 222 6.14 11.97 -4.02
C LEU A 222 7.51 11.57 -3.45
C LEU A 222 7.51 11.57 -3.46
C LEU A 222 7.50 11.57 -3.45
C LEU A 222 7.50 11.57 -3.45
N ASN A 223 8.49 11.25 -4.29
CA ASN A 223 9.78 10.81 -3.75
C ASN A 223 10.40 11.88 -2.88
N THR A 224 10.95 11.54 -1.76
CA THR A 224 11.39 12.56 -0.79
C THR A 224 12.87 12.87 -0.93
N VAL A 225 13.61 12.36 -1.86
CA VAL A 225 15.05 12.68 -1.92
C VAL A 225 15.24 14.16 -2.28
N SER A 226 16.13 14.80 -1.56
CA SER A 226 16.53 16.21 -1.73
C SER A 226 18.04 16.25 -1.83
N PRO A 227 18.59 17.17 -2.67
CA PRO A 227 17.86 18.18 -3.41
C PRO A 227 17.41 17.77 -4.80
N THR A 228 17.71 16.53 -5.21
CA THR A 228 17.38 16.01 -6.54
C THR A 228 16.40 14.85 -6.32
N GLN A 229 15.15 15.05 -6.64
CA GLN A 229 14.14 13.99 -6.48
C GLN A 229 14.54 12.82 -7.35
N GLN A 230 14.25 11.62 -6.86
CA GLN A 230 14.60 10.36 -7.56
C GLN A 230 13.34 9.65 -8.06
N LYS A 231 13.59 8.80 -9.03
CA LYS A 231 12.53 7.94 -9.61
C LYS A 231 12.34 6.63 -8.87
N THR A 232 11.09 6.17 -8.92
CA THR A 232 10.79 4.82 -8.40
C THR A 232 11.41 3.75 -9.29
N PHE A 233 11.46 2.56 -8.74
CA PHE A 233 11.92 1.37 -9.50
C PHE A 233 11.04 1.22 -10.74
N PHE A 234 9.73 1.38 -10.61
CA PHE A 234 8.84 1.23 -11.78
C PHE A 234 9.11 2.30 -12.81
N ASP A 235 9.25 3.53 -12.39
CA ASP A 235 9.51 4.59 -13.36
C ASP A 235 10.85 4.35 -14.02
N ASN A 236 11.88 3.90 -13.36
CA ASN A 236 13.15 3.60 -14.01
C ASN A 236 13.03 2.39 -14.92
N ALA A 237 12.23 1.40 -14.61
CA ALA A 237 12.11 0.20 -15.43
C ALA A 237 11.24 0.39 -16.65
N LYS A 238 10.34 1.37 -16.64
N LYS A 238 10.37 1.37 -16.61
N LYS A 238 10.34 1.37 -16.64
N LYS A 238 10.37 1.37 -16.61
CA LYS A 238 9.10 1.36 -17.48
CA LYS A 238 9.17 1.46 -17.50
CA LYS A 238 9.10 1.36 -17.48
CA LYS A 238 9.17 1.45 -17.50
C LYS A 238 9.42 1.46 -18.99
C LYS A 238 9.54 1.32 -18.97
C LYS A 238 9.43 1.45 -18.99
C LYS A 238 9.55 1.31 -18.97
N ALA A 239 10.54 2.06 -19.40
CA ALA A 239 10.88 2.18 -20.83
C ALA A 239 11.38 0.82 -21.32
N SER A 240 11.96 -0.02 -20.46
CA SER A 240 12.48 -1.35 -20.80
C SER A 240 11.39 -2.41 -20.79
N LEU A 241 10.26 -2.16 -20.13
CA LEU A 241 9.24 -3.19 -19.96
C LEU A 241 8.52 -3.49 -21.25
N ASP A 242 8.03 -4.68 -21.40
CA ASP A 242 7.24 -5.04 -22.59
C ASP A 242 5.99 -4.18 -22.68
N SER A 243 5.37 -3.84 -21.55
N SER A 243 5.34 -3.97 -21.53
N SER A 243 5.37 -3.86 -21.55
N SER A 243 5.34 -3.96 -21.53
CA SER A 243 4.17 -2.99 -21.42
CA SER A 243 4.21 -3.03 -21.34
CA SER A 243 4.17 -3.01 -21.41
CA SER A 243 4.23 -3.00 -21.36
C SER A 243 4.37 -2.20 -20.14
C SER A 243 4.50 -2.15 -20.12
C SER A 243 4.37 -2.20 -20.14
C SER A 243 4.49 -2.15 -20.12
N PRO A 244 4.01 -0.90 -20.09
CA PRO A 244 4.33 -0.04 -18.96
C PRO A 244 3.35 -0.22 -17.78
N VAL A 245 3.38 -1.40 -17.19
CA VAL A 245 2.38 -1.83 -16.23
C VAL A 245 3.07 -2.62 -15.15
N PHE A 246 2.44 -2.67 -13.98
CA PHE A 246 2.72 -3.73 -13.01
C PHE A 246 1.38 -4.20 -12.46
N THR A 247 1.37 -5.39 -11.89
CA THR A 247 0.14 -5.94 -11.35
C THR A 247 0.38 -6.44 -9.95
N ALA A 248 -0.62 -6.29 -9.12
CA ALA A 248 -0.65 -6.77 -7.75
C ALA A 248 -1.68 -7.83 -7.64
N ASP A 249 -1.29 -9.01 -7.18
CA ASP A 249 -2.17 -10.13 -6.98
C ASP A 249 -1.91 -10.67 -5.58
N LEU A 250 -2.46 -9.99 -4.59
CA LEU A 250 -2.17 -10.32 -3.17
C LEU A 250 -3.03 -11.48 -2.75
N GLY A 251 -2.49 -12.38 -1.95
CA GLY A 251 -3.20 -13.53 -1.42
C GLY A 251 -3.89 -13.25 -0.11
N TYR A 252 -4.96 -13.96 0.17
CA TYR A 252 -5.60 -14.04 1.48
C TYR A 252 -4.98 -15.19 2.24
N HIS A 253 -4.24 -14.85 3.26
CA HIS A 253 -3.54 -15.83 4.11
C HIS A 253 -2.74 -16.76 3.20
N ALA A 254 -2.07 -16.21 2.18
CA ALA A 254 -1.34 -17.02 1.21
C ALA A 254 -0.44 -16.09 0.42
N PRO A 255 0.61 -16.62 -0.20
CA PRO A 255 1.43 -15.82 -1.08
C PRO A 255 0.65 -15.40 -2.32
N GLY A 256 1.22 -14.38 -2.96
CA GLY A 256 0.68 -13.80 -4.20
C GLY A 256 1.81 -13.37 -5.05
N THR A 257 1.57 -12.47 -6.00
CA THR A 257 2.52 -12.13 -7.04
C THR A 257 2.48 -10.66 -7.35
N TYR A 258 3.63 -10.07 -7.59
CA TYR A 258 3.82 -8.78 -8.28
C TYR A 258 4.48 -9.07 -9.60
N ASN A 259 3.84 -8.67 -10.68
CA ASN A 259 4.43 -8.78 -12.02
C ASN A 259 4.71 -7.42 -12.58
N PHE A 260 5.77 -7.29 -13.35
CA PHE A 260 6.15 -6.05 -14.02
C PHE A 260 6.25 -6.30 -15.50
N GLY A 261 5.53 -5.53 -16.29
CA GLY A 261 5.71 -5.50 -17.75
C GLY A 261 4.77 -6.38 -18.46
N PHE A 262 3.87 -7.09 -17.83
CA PHE A 262 2.93 -7.96 -18.53
C PHE A 262 1.73 -8.22 -17.64
N ILE A 263 0.65 -8.63 -18.25
N ILE A 263 0.61 -8.50 -18.29
N ILE A 263 0.65 -8.63 -18.25
N ILE A 263 0.60 -8.50 -18.28
CA ILE A 263 -0.61 -8.94 -17.53
CA ILE A 263 -0.62 -9.08 -17.66
CA ILE A 263 -0.61 -8.95 -17.53
CA ILE A 263 -0.61 -9.06 -17.66
C ILE A 263 -0.85 -10.44 -17.72
C ILE A 263 -0.60 -10.58 -17.76
C ILE A 263 -0.86 -10.44 -17.72
C ILE A 263 -0.60 -10.58 -17.76
N ASP A 264 -0.76 -11.23 -16.63
CA ASP A 264 -0.94 -12.69 -16.65
C ASP A 264 -2.42 -12.96 -16.78
N THR A 265 -2.86 -13.36 -17.97
CA THR A 265 -4.29 -13.55 -18.25
C THR A 265 -4.76 -14.82 -17.58
N THR A 266 -3.92 -15.64 -16.98
CA THR A 266 -4.32 -16.86 -16.25
C THR A 266 -4.63 -16.51 -14.79
N ALA A 267 -4.31 -15.30 -14.32
CA ALA A 267 -4.31 -14.98 -12.89
C ALA A 267 -5.66 -14.40 -12.46
N TYR A 268 -6.62 -14.22 -13.34
CA TYR A 268 -7.90 -13.62 -12.97
C TYR A 268 -9.02 -14.27 -13.74
N THR A 269 -10.24 -14.06 -13.31
CA THR A 269 -11.44 -14.61 -13.97
C THR A 269 -12.17 -13.45 -14.64
N GLY A 270 -12.95 -13.72 -15.66
CA GLY A 270 -13.71 -12.65 -16.31
C GLY A 270 -12.79 -11.67 -17.00
N SER A 271 -13.22 -10.42 -17.04
N SER A 271 -13.23 -10.42 -17.01
N SER A 271 -13.22 -10.42 -17.03
N SER A 271 -13.24 -10.42 -17.04
CA SER A 271 -12.48 -9.34 -17.72
CA SER A 271 -12.53 -9.31 -17.68
CA SER A 271 -12.48 -9.35 -17.72
CA SER A 271 -12.55 -9.30 -17.72
C SER A 271 -11.95 -8.34 -16.70
C SER A 271 -11.92 -8.34 -16.67
C SER A 271 -11.93 -8.34 -16.69
C SER A 271 -12.05 -8.43 -16.69
N ILE A 272 -10.98 -7.53 -17.12
CA ILE A 272 -10.41 -6.47 -16.29
C ILE A 272 -11.21 -5.24 -16.60
N THR A 273 -11.71 -4.54 -15.59
CA THR A 273 -12.36 -3.23 -15.77
C THR A 273 -11.40 -2.14 -15.40
N TYR A 274 -11.10 -1.28 -16.34
CA TYR A 274 -10.19 -0.16 -16.15
C TYR A 274 -10.93 1.09 -15.74
N THR A 275 -10.34 1.91 -14.96
CA THR A 275 -10.91 3.14 -14.40
C THR A 275 -9.86 4.22 -14.38
N ALA A 276 -10.31 5.46 -14.48
CA ALA A 276 -9.39 6.60 -14.58
C ALA A 276 -8.63 6.83 -13.29
N VAL A 277 -7.47 7.43 -13.43
N VAL A 277 -7.47 7.43 -13.43
N VAL A 277 -7.34 7.10 -13.47
N VAL A 277 -7.34 7.10 -13.47
CA VAL A 277 -6.58 7.74 -12.29
CA VAL A 277 -6.59 7.75 -12.30
CA VAL A 277 -6.40 7.51 -12.39
CA VAL A 277 -6.40 7.51 -12.39
C VAL A 277 -6.28 9.24 -12.32
C VAL A 277 -6.29 9.24 -12.32
C VAL A 277 -6.12 8.99 -12.52
C VAL A 277 -6.12 8.99 -12.52
N SER A 278 -6.29 9.87 -11.16
N SER A 278 -6.30 9.86 -11.16
N SER A 278 -6.29 9.72 -11.42
N SER A 278 -6.29 9.72 -11.41
CA SER A 278 -5.73 11.21 -10.95
CA SER A 278 -5.72 11.20 -10.96
CA SER A 278 -5.72 11.07 -11.26
CA SER A 278 -5.72 11.07 -11.26
C SER A 278 -4.34 11.04 -10.35
C SER A 278 -4.33 11.04 -10.36
C SER A 278 -4.41 10.96 -10.48
C SER A 278 -4.41 10.97 -10.48
N THR A 279 -3.34 11.68 -10.93
N THR A 279 -3.34 11.68 -10.93
N THR A 279 -3.35 11.62 -10.97
N THR A 279 -3.36 11.62 -10.97
CA THR A 279 -1.98 11.72 -10.37
CA THR A 279 -1.98 11.72 -10.37
CA THR A 279 -2.03 11.64 -10.31
CA THR A 279 -2.03 11.64 -10.31
C THR A 279 -1.75 13.01 -9.57
C THR A 279 -1.75 13.01 -9.57
C THR A 279 -1.75 13.01 -9.67
C THR A 279 -1.75 13.01 -9.67
N LYS A 280 -2.79 13.81 -9.41
CA LYS A 280 -2.63 15.15 -8.82
C LYS A 280 -2.01 15.14 -7.43
N GLN A 281 -2.28 14.11 -6.63
N GLN A 281 -2.30 14.12 -6.62
N GLN A 281 -2.19 14.08 -6.67
N GLN A 281 -2.19 14.08 -6.67
CA GLN A 281 -1.76 13.96 -5.24
CA GLN A 281 -1.76 13.96 -5.24
CA GLN A 281 -1.56 14.00 -5.34
CA GLN A 281 -1.56 14.00 -5.34
C GLN A 281 -0.59 12.97 -5.20
C GLN A 281 -0.59 12.98 -5.21
C GLN A 281 -0.41 12.99 -5.41
C GLN A 281 -0.41 12.99 -5.41
N GLY A 282 -0.13 12.48 -6.35
N GLY A 282 -0.11 12.48 -6.36
N GLY A 282 -0.18 12.40 -6.60
N GLY A 282 -0.18 12.40 -6.60
CA GLY A 282 1.01 11.52 -6.41
CA GLY A 282 1.01 11.52 -6.40
CA GLY A 282 0.92 11.46 -6.89
CA GLY A 282 0.92 11.46 -6.89
C GLY A 282 0.59 10.07 -6.20
C GLY A 282 0.59 10.07 -6.20
C GLY A 282 0.65 10.06 -6.39
C GLY A 282 0.65 10.06 -6.39
N PHE A 283 -0.69 9.78 -6.18
N PHE A 283 -0.69 9.78 -6.17
N PHE A 283 -0.51 9.83 -5.78
N PHE A 283 -0.51 9.83 -5.78
CA PHE A 283 -1.19 8.43 -5.84
CA PHE A 283 -1.19 8.43 -5.83
CA PHE A 283 -1.03 8.48 -5.47
CA PHE A 283 -1.03 8.48 -5.47
C PHE A 283 -1.91 7.80 -7.02
C PHE A 283 -1.91 7.80 -7.01
C PHE A 283 -1.78 7.94 -6.68
C PHE A 283 -1.79 7.94 -6.68
N TRP A 284 -2.12 6.50 -6.95
N TRP A 284 -2.12 6.50 -6.94
N TRP A 284 -2.08 6.64 -6.63
N TRP A 284 -2.08 6.64 -6.63
CA TRP A 284 -3.07 5.78 -7.82
CA TRP A 284 -3.06 5.78 -7.82
CA TRP A 284 -2.92 5.90 -7.61
CA TRP A 284 -2.93 5.91 -7.61
C TRP A 284 -4.45 6.07 -7.29
C TRP A 284 -4.45 6.07 -7.28
C TRP A 284 -4.40 6.11 -7.25
C TRP A 284 -4.40 6.11 -7.25
N GLU A 285 -4.95 7.27 -7.59
N GLU A 285 -4.95 7.27 -7.58
N GLU A 285 -4.88 7.33 -7.46
N GLU A 285 -4.88 7.34 -7.46
CA GLU A 285 -6.21 7.78 -7.05
CA GLU A 285 -6.21 7.78 -7.05
CA GLU A 285 -6.19 7.82 -6.97
CA GLU A 285 -6.18 7.82 -6.97
C GLU A 285 -7.29 7.58 -8.08
C GLU A 285 -7.30 7.57 -8.08
C GLU A 285 -7.28 7.64 -8.03
C GLU A 285 -7.28 7.64 -8.03
N TRP A 286 -8.40 7.01 -7.66
CA TRP A 286 -9.47 6.61 -8.56
C TRP A 286 -10.78 6.84 -7.85
N THR A 287 -11.87 6.60 -8.53
CA THR A 287 -13.23 6.78 -7.96
C THR A 287 -14.03 5.52 -8.10
N SER A 288 -14.31 4.88 -6.98
CA SER A 288 -15.24 3.74 -6.97
C SER A 288 -16.65 4.23 -7.22
N THR A 289 -17.44 3.38 -7.81
CA THR A 289 -18.83 3.70 -8.18
C THR A 289 -19.83 3.30 -7.12
N GLY A 290 -19.44 2.70 -6.01
CA GLY A 290 -20.39 2.48 -4.93
C GLY A 290 -20.09 1.22 -4.16
N TYR A 291 -21.03 0.79 -3.36
CA TYR A 291 -20.76 -0.34 -2.49
C TYR A 291 -22.03 -1.07 -2.14
N ALA A 292 -21.86 -2.28 -1.68
CA ALA A 292 -22.96 -3.03 -1.06
C ALA A 292 -22.44 -3.73 0.17
N VAL A 293 -23.30 -3.98 1.12
CA VAL A 293 -22.97 -4.74 2.36
C VAL A 293 -23.63 -6.08 2.27
N GLY A 294 -22.93 -7.16 2.35
CA GLY A 294 -23.50 -8.49 2.27
C GLY A 294 -24.33 -8.64 1.02
N SER A 295 -25.53 -9.19 1.21
N SER A 295 -25.54 -9.16 1.22
N SER A 295 -25.53 -9.19 1.19
N SER A 295 -25.54 -9.18 1.20
CA SER A 295 -26.48 -9.45 0.10
CA SER A 295 -26.55 -9.46 0.17
CA SER A 295 -26.45 -9.44 0.05
CA SER A 295 -26.50 -9.44 0.10
C SER A 295 -27.38 -8.24 -0.10
C SER A 295 -27.29 -8.18 -0.24
C SER A 295 -27.35 -8.22 -0.15
C SER A 295 -27.30 -8.19 -0.24
N GLY A 296 -27.05 -7.07 0.46
CA GLY A 296 -27.83 -5.86 0.32
C GLY A 296 -27.75 -5.24 -1.04
N THR A 297 -28.60 -4.27 -1.28
CA THR A 297 -28.64 -3.58 -2.57
C THR A 297 -27.37 -2.75 -2.73
N PHE A 298 -26.95 -2.60 -3.93
CA PHE A 298 -25.77 -1.79 -4.25
C PHE A 298 -26.14 -0.33 -4.22
N LYS A 299 -25.41 0.49 -3.51
CA LYS A 299 -25.58 1.92 -3.42
C LYS A 299 -24.62 2.58 -4.40
N SER A 300 -25.18 3.23 -5.40
N SER A 300 -25.17 3.26 -5.39
CA SER A 300 -24.40 4.05 -6.34
CA SER A 300 -24.39 3.95 -6.43
C SER A 300 -23.96 5.31 -5.62
C SER A 300 -23.95 5.32 -5.91
N THR A 301 -22.67 5.52 -5.59
CA THR A 301 -22.14 6.72 -4.96
C THR A 301 -20.67 6.78 -5.31
N SER A 302 -20.15 7.92 -5.64
CA SER A 302 -18.72 8.11 -5.97
C SER A 302 -17.89 8.10 -4.73
N ILE A 303 -16.86 7.26 -4.65
CA ILE A 303 -15.93 7.25 -3.51
C ILE A 303 -14.53 7.39 -4.07
N ASP A 304 -13.98 8.57 -3.98
N ASP A 304 -13.91 8.51 -3.83
N ASP A 304 -13.98 8.58 -3.98
N ASP A 304 -13.93 8.55 -3.90
CA ASP A 304 -12.58 8.78 -4.37
CA ASP A 304 -12.56 8.80 -4.33
CA ASP A 304 -12.56 8.82 -4.34
CA ASP A 304 -12.55 8.81 -4.37
C ASP A 304 -11.72 8.02 -3.36
C ASP A 304 -11.51 8.30 -3.34
C ASP A 304 -11.70 8.06 -3.33
C ASP A 304 -11.56 8.27 -3.35
N GLY A 305 -10.60 7.45 -3.80
CA GLY A 305 -9.65 6.88 -2.89
C GLY A 305 -8.42 6.43 -3.60
N ILE A 306 -7.48 5.88 -2.87
N ILE A 306 -7.49 5.87 -2.87
N ILE A 306 -7.47 5.92 -2.86
N ILE A 306 -7.47 5.92 -2.86
CA ILE A 306 -6.20 5.44 -3.48
CA ILE A 306 -6.21 5.43 -3.48
CA ILE A 306 -6.21 5.43 -3.48
CA ILE A 306 -6.21 5.43 -3.48
C ILE A 306 -6.02 3.93 -3.34
C ILE A 306 -6.02 3.93 -3.34
C ILE A 306 -6.17 3.90 -3.43
C ILE A 306 -6.17 3.90 -3.43
N ALA A 307 -5.43 3.33 -4.35
CA ALA A 307 -5.07 1.91 -4.33
C ALA A 307 -3.72 1.81 -3.66
N ASP A 308 -3.65 1.25 -2.45
N ASP A 308 -3.66 1.24 -2.45
N ASP A 308 -3.69 1.35 -2.42
N ASP A 308 -3.69 1.35 -2.42
CA ASP A 308 -2.45 1.36 -1.59
CA ASP A 308 -2.45 1.36 -1.59
CA ASP A 308 -2.46 1.35 -1.57
CA ASP A 308 -2.46 1.35 -1.57
C ASP A 308 -2.01 0.03 -0.96
C ASP A 308 -2.01 0.03 -0.96
C ASP A 308 -2.17 -0.07 -1.09
C ASP A 308 -2.17 -0.07 -1.09
N THR A 309 -1.12 -0.67 -1.64
CA THR A 309 -0.69 -2.00 -1.19
C THR A 309 0.03 -1.94 0.15
N GLY A 310 0.52 -0.76 0.55
N GLY A 310 0.52 -0.76 0.55
N GLY A 310 0.50 -0.75 0.52
N GLY A 310 0.50 -0.75 0.52
CA GLY A 310 1.25 -0.59 1.80
CA GLY A 310 1.24 -0.60 1.81
CA GLY A 310 1.30 -0.51 1.74
CA GLY A 310 1.30 -0.51 1.74
C GLY A 310 0.36 -0.20 2.97
C GLY A 310 0.35 -0.21 2.97
C GLY A 310 0.44 -0.43 2.99
C GLY A 310 0.44 -0.43 2.99
N THR A 311 -0.95 -0.21 2.79
N THR A 311 -0.95 -0.21 2.79
N THR A 311 -0.87 -0.38 2.83
N THR A 311 -0.87 -0.37 2.83
CA THR A 311 -1.93 -0.03 3.88
CA THR A 311 -1.93 -0.03 3.89
CA THR A 311 -1.82 -0.17 3.95
CA THR A 311 -1.82 -0.17 3.95
C THR A 311 -2.67 -1.34 4.09
C THR A 311 -2.67 -1.34 4.09
C THR A 311 -2.64 -1.46 4.08
C THR A 311 -2.64 -1.45 4.08
N THR A 312 -2.73 -1.82 5.32
N THR A 312 -2.72 -1.81 5.32
N THR A 312 -2.84 -1.91 5.30
N THR A 312 -2.84 -1.91 5.29
CA THR A 312 -3.37 -3.11 5.61
CA THR A 312 -3.37 -3.11 5.60
CA THR A 312 -3.45 -3.23 5.52
CA THR A 312 -3.45 -3.23 5.51
C THR A 312 -4.87 -3.10 5.28
C THR A 312 -4.87 -3.10 5.28
C THR A 312 -4.96 -3.17 5.32
C THR A 312 -4.96 -3.17 5.32
N LEU A 313 -5.57 -2.11 5.81
N LEU A 313 -5.57 -2.11 5.82
N LEU A 313 -5.59 -2.11 5.85
N LEU A 313 -5.59 -2.11 5.85
CA LEU A 313 -7.04 -2.14 5.89
CA LEU A 313 -7.04 -2.14 5.89
CA LEU A 313 -7.07 -1.98 6.02
CA LEU A 313 -7.07 -1.98 6.02
C LEU A 313 -7.71 -1.30 4.80
C LEU A 313 -7.71 -1.28 4.80
C LEU A 313 -7.71 -1.20 4.89
C LEU A 313 -7.71 -1.20 4.89
N LEU A 314 -9.04 -1.35 4.79
CA LEU A 314 -9.88 -0.57 3.88
C LEU A 314 -10.46 0.59 4.68
N TYR A 315 -10.08 1.80 4.32
N TYR A 315 -10.08 1.80 4.32
N TYR A 315 -10.08 1.81 4.33
N TYR A 315 -10.08 1.81 4.33
CA TYR A 315 -10.55 3.02 5.00
CA TYR A 315 -10.56 3.02 5.00
CA TYR A 315 -10.51 3.04 5.04
CA TYR A 315 -10.51 3.04 5.04
C TYR A 315 -11.52 3.76 4.08
C TYR A 315 -11.52 3.76 4.08
C TYR A 315 -11.47 3.84 4.16
C TYR A 315 -11.47 3.84 4.16
N LEU A 316 -12.75 3.93 4.56
CA LEU A 316 -13.84 4.50 3.74
C LEU A 316 -14.58 5.53 4.55
N PRO A 317 -15.46 6.30 3.90
CA PRO A 317 -16.18 7.33 4.62
C PRO A 317 -16.98 6.75 5.77
N ALA A 318 -17.21 7.55 6.81
CA ALA A 318 -17.89 7.10 8.01
C ALA A 318 -19.26 6.57 7.70
N THR A 319 -19.97 7.17 6.76
CA THR A 319 -21.32 6.69 6.41
C THR A 319 -21.27 5.24 5.95
N VAL A 320 -20.31 4.94 5.07
CA VAL A 320 -20.18 3.60 4.46
C VAL A 320 -19.83 2.62 5.55
N VAL A 321 -18.86 2.97 6.37
CA VAL A 321 -18.34 2.09 7.39
C VAL A 321 -19.42 1.80 8.43
N SER A 322 -20.20 2.84 8.81
CA SER A 322 -21.30 2.62 9.78
C SER A 322 -22.33 1.65 9.17
N ALA A 323 -22.65 1.82 7.91
CA ALA A 323 -23.60 0.92 7.24
C ALA A 323 -23.10 -0.51 7.24
N TYR A 324 -21.81 -0.72 7.08
CA TYR A 324 -21.26 -2.09 7.13
C TYR A 324 -21.40 -2.66 8.52
N TRP A 325 -20.87 -1.99 9.54
CA TRP A 325 -20.81 -2.57 10.87
C TRP A 325 -22.18 -2.67 11.52
N ALA A 326 -23.14 -1.90 11.06
CA ALA A 326 -24.53 -2.01 11.56
C ALA A 326 -25.09 -3.39 11.25
N GLN A 327 -24.50 -4.12 10.32
CA GLN A 327 -24.98 -5.48 9.96
C GLN A 327 -24.29 -6.52 10.79
N VAL A 328 -23.50 -6.18 11.79
CA VAL A 328 -22.78 -7.15 12.64
C VAL A 328 -23.23 -6.92 14.07
N SER A 329 -23.97 -7.87 14.65
N SER A 329 -23.92 -7.91 14.66
N SER A 329 -23.95 -7.90 14.64
N SER A 329 -23.93 -7.90 14.66
CA SER A 329 -24.53 -7.71 16.01
CA SER A 329 -24.44 -7.88 16.04
CA SER A 329 -24.49 -7.81 16.02
CA SER A 329 -24.46 -7.81 16.03
C SER A 329 -23.36 -7.56 16.98
C SER A 329 -23.29 -7.57 17.00
C SER A 329 -23.33 -7.58 16.98
C SER A 329 -23.31 -7.57 17.00
N GLY A 330 -23.42 -6.52 17.78
CA GLY A 330 -22.45 -6.20 18.80
C GLY A 330 -21.25 -5.42 18.30
N ALA A 331 -21.16 -5.09 17.01
CA ALA A 331 -20.04 -4.26 16.53
C ALA A 331 -20.20 -2.85 17.03
N LYS A 332 -19.09 -2.17 17.28
CA LYS A 332 -19.12 -0.80 17.75
C LYS A 332 -17.79 -0.18 17.43
N SER A 333 -17.80 1.14 17.38
CA SER A 333 -16.57 1.92 17.29
C SER A 333 -16.02 2.17 18.68
N SER A 334 -14.82 1.77 18.95
CA SER A 334 -14.15 1.91 20.25
C SER A 334 -13.05 2.97 20.12
N SER A 335 -13.20 4.10 20.81
N SER A 335 -13.24 4.08 20.81
N SER A 335 -13.20 4.10 20.80
N SER A 335 -13.24 4.08 20.81
CA SER A 335 -12.16 5.15 20.89
CA SER A 335 -12.25 5.16 20.98
CA SER A 335 -12.14 5.14 20.88
CA SER A 335 -12.25 5.16 20.99
C SER A 335 -10.94 4.59 21.63
C SER A 335 -10.98 4.60 21.64
C SER A 335 -10.93 4.58 21.63
C SER A 335 -10.98 4.60 21.64
N SER A 336 -11.14 3.70 22.62
CA SER A 336 -10.01 3.08 23.36
C SER A 336 -9.16 2.21 22.44
N VAL A 337 -9.79 1.43 21.55
CA VAL A 337 -9.02 0.52 20.68
C VAL A 337 -8.54 1.25 19.43
N GLY A 338 -9.29 2.24 18.97
CA GLY A 338 -8.98 3.03 17.78
C GLY A 338 -9.68 2.55 16.53
N GLY A 339 -10.90 2.06 16.65
CA GLY A 339 -11.74 1.79 15.47
C GLY A 339 -12.82 0.82 15.81
N TYR A 340 -13.48 0.33 14.80
CA TYR A 340 -14.55 -0.66 14.94
C TYR A 340 -13.97 -2.01 15.35
N VAL A 341 -14.65 -2.54 16.34
CA VAL A 341 -14.44 -3.92 16.86
C VAL A 341 -15.73 -4.64 16.84
N PHE A 342 -15.64 -5.96 16.88
CA PHE A 342 -16.83 -6.80 16.77
C PHE A 342 -16.59 -8.05 17.58
N PRO A 343 -17.67 -8.75 17.98
CA PRO A 343 -17.48 -9.99 18.73
C PRO A 343 -16.82 -11.03 17.86
N CYS A 344 -15.80 -11.69 18.45
CA CYS A 344 -15.10 -12.71 17.71
C CYS A 344 -16.03 -13.88 17.33
N SER A 345 -17.17 -14.01 17.98
CA SER A 345 -18.15 -15.05 17.62
C SER A 345 -18.92 -14.72 16.36
N ALA A 346 -18.79 -13.51 15.81
CA ALA A 346 -19.61 -13.09 14.65
C ALA A 346 -19.12 -13.77 13.38
N THR A 347 -20.06 -13.90 12.47
CA THR A 347 -19.78 -14.17 11.04
C THR A 347 -19.95 -12.85 10.30
N LEU A 348 -18.92 -12.37 9.63
CA LEU A 348 -18.99 -11.05 8.97
C LEU A 348 -19.60 -11.16 7.60
N PRO A 349 -20.37 -10.16 7.20
CA PRO A 349 -20.85 -10.06 5.82
C PRO A 349 -19.73 -9.64 4.86
N SER A 350 -19.92 -9.97 3.61
CA SER A 350 -19.04 -9.48 2.58
C SER A 350 -19.22 -7.97 2.40
N PHE A 351 -18.32 -7.38 1.66
CA PHE A 351 -18.38 -5.99 1.25
C PHE A 351 -18.07 -5.89 -0.22
N THR A 352 -18.93 -5.27 -1.00
CA THR A 352 -18.70 -5.14 -2.44
C THR A 352 -18.33 -3.70 -2.74
N PHE A 353 -17.36 -3.45 -3.60
CA PHE A 353 -17.11 -2.11 -4.11
C PHE A 353 -17.19 -2.12 -5.65
N GLY A 354 -17.64 -0.99 -6.18
CA GLY A 354 -17.80 -0.83 -7.62
C GLY A 354 -16.55 -0.32 -8.27
N VAL A 355 -16.29 -0.86 -9.47
CA VAL A 355 -15.27 -0.40 -10.40
C VAL A 355 -15.99 -0.20 -11.72
N GLY A 356 -16.32 1.03 -12.06
CA GLY A 356 -17.23 1.22 -13.19
C GLY A 356 -18.49 0.42 -12.96
N SER A 357 -18.94 -0.33 -13.98
N SER A 357 -18.90 -0.34 -13.99
N SER A 357 -18.95 -0.33 -13.96
N SER A 357 -18.90 -0.34 -13.98
CA SER A 357 -20.13 -1.20 -13.88
CA SER A 357 -20.09 -1.21 -13.95
CA SER A 357 -20.14 -1.20 -13.85
CA SER A 357 -20.10 -1.20 -13.92
C SER A 357 -19.79 -2.56 -13.26
C SER A 357 -19.78 -2.56 -13.29
C SER A 357 -19.79 -2.56 -13.24
C SER A 357 -19.79 -2.56 -13.29
N ALA A 358 -18.52 -2.83 -12.97
CA ALA A 358 -18.08 -4.09 -12.38
C ALA A 358 -18.11 -4.01 -10.84
N ARG A 359 -18.01 -5.14 -10.24
CA ARG A 359 -18.13 -5.27 -8.77
C ARG A 359 -17.03 -6.17 -8.30
N ILE A 360 -16.35 -5.81 -7.21
CA ILE A 360 -15.38 -6.66 -6.52
C ILE A 360 -15.96 -7.00 -5.16
N VAL A 361 -16.03 -8.25 -4.86
CA VAL A 361 -16.59 -8.71 -3.58
C VAL A 361 -15.48 -9.12 -2.65
N ILE A 362 -15.43 -8.47 -1.49
CA ILE A 362 -14.50 -8.81 -0.40
C ILE A 362 -15.22 -9.77 0.51
N PRO A 363 -14.82 -11.04 0.61
CA PRO A 363 -15.48 -11.96 1.53
C PRO A 363 -15.40 -11.44 2.94
N GLY A 364 -16.40 -11.80 3.75
CA GLY A 364 -16.41 -11.41 5.16
C GLY A 364 -15.18 -11.81 5.91
N ASP A 365 -14.65 -12.99 5.61
N ASP A 365 -14.58 -12.99 5.70
N ASP A 365 -14.65 -12.99 5.60
N ASP A 365 -14.61 -12.99 5.66
CA ASP A 365 -13.48 -13.48 6.33
CA ASP A 365 -13.41 -13.33 6.55
CA ASP A 365 -13.47 -13.47 6.32
CA ASP A 365 -13.44 -13.42 6.47
C ASP A 365 -12.30 -12.51 6.19
C ASP A 365 -12.18 -12.50 6.16
C ASP A 365 -12.31 -12.50 6.18
C ASP A 365 -12.20 -12.57 6.15
N TYR A 366 -12.20 -11.82 5.04
CA TYR A 366 -11.07 -10.90 4.77
C TYR A 366 -11.12 -9.72 5.73
N ILE A 367 -12.26 -9.45 6.33
CA ILE A 367 -12.48 -8.25 7.16
C ILE A 367 -12.20 -8.57 8.62
N ASP A 368 -11.81 -9.80 8.92
N ASP A 368 -11.90 -9.82 8.95
CA ASP A 368 -11.43 -10.19 10.31
CA ASP A 368 -11.67 -10.20 10.36
C ASP A 368 -9.93 -10.01 10.54
C ASP A 368 -10.16 -10.14 10.65
N PHE A 369 -9.59 -9.14 11.49
N PHE A 369 -9.72 -9.20 11.49
N PHE A 369 -9.79 -9.10 11.56
N PHE A 369 -9.78 -9.11 11.56
CA PHE A 369 -8.19 -8.94 11.91
CA PHE A 369 -8.29 -9.02 11.87
CA PHE A 369 -8.33 -9.05 11.84
CA PHE A 369 -8.32 -9.05 11.84
C PHE A 369 -8.00 -9.52 13.31
C PHE A 369 -8.02 -9.54 13.28
C PHE A 369 -8.02 -9.52 13.27
C PHE A 369 -8.02 -9.52 13.27
N GLY A 370 -8.90 -10.36 13.80
CA GLY A 370 -8.63 -11.16 14.99
C GLY A 370 -8.67 -10.34 16.25
N PRO A 371 -8.37 -11.04 17.37
CA PRO A 371 -8.49 -10.44 18.68
C PRO A 371 -7.71 -9.15 18.83
N ILE A 372 -8.25 -8.19 19.51
CA ILE A 372 -7.57 -6.91 19.70
C ILE A 372 -6.32 -7.07 20.54
N SER A 373 -6.29 -8.02 21.42
CA SER A 373 -5.14 -8.42 22.24
C SER A 373 -5.25 -9.88 22.38
N THR A 374 -4.14 -10.53 22.67
CA THR A 374 -4.12 -11.93 22.74
C THR A 374 -5.19 -12.48 23.72
N GLY A 375 -6.02 -13.41 23.32
CA GLY A 375 -7.05 -14.02 24.12
C GLY A 375 -8.38 -13.26 24.25
N SER A 376 -8.44 -12.05 23.68
CA SER A 376 -9.65 -11.23 23.75
C SER A 376 -10.76 -11.85 22.91
N SER A 377 -11.96 -11.67 23.31
CA SER A 377 -13.14 -11.98 22.47
C SER A 377 -13.64 -10.79 21.67
N SER A 378 -12.97 -9.66 21.73
N SER A 378 -12.93 -9.68 21.69
N SER A 378 -12.96 -9.66 21.73
N SER A 378 -12.93 -9.68 21.69
CA SER A 378 -13.24 -8.56 20.80
CA SER A 378 -13.19 -8.50 20.84
CA SER A 378 -13.23 -8.55 20.80
CA SER A 378 -13.19 -8.50 20.84
C SER A 378 -12.23 -8.65 19.68
C SER A 378 -12.21 -8.52 19.68
C SER A 378 -12.23 -8.64 19.67
C SER A 378 -12.21 -8.52 19.68
N CYS A 379 -12.74 -8.54 18.46
CA CYS A 379 -11.92 -8.64 17.25
C CYS A 379 -11.90 -7.32 16.50
N PHE A 380 -10.81 -7.06 15.83
CA PHE A 380 -10.62 -5.78 15.14
C PHE A 380 -11.11 -5.87 13.69
N GLY A 381 -11.86 -4.87 13.30
CA GLY A 381 -12.42 -4.88 11.94
C GLY A 381 -11.45 -4.43 10.86
N GLY A 382 -11.63 -4.99 9.67
CA GLY A 382 -10.81 -4.64 8.54
C GLY A 382 -11.30 -3.53 7.68
N ILE A 383 -12.46 -3.01 7.96
CA ILE A 383 -13.04 -1.83 7.33
C ILE A 383 -13.16 -0.78 8.43
N GLN A 384 -12.54 0.36 8.22
CA GLN A 384 -12.44 1.41 9.23
C GLN A 384 -12.75 2.74 8.57
N SER A 385 -13.11 3.72 9.37
CA SER A 385 -13.38 5.06 8.86
C SER A 385 -12.12 5.79 8.44
N SER A 386 -12.20 6.46 7.32
CA SER A 386 -11.16 7.36 6.85
C SER A 386 -11.27 8.76 7.42
N ALA A 387 -12.18 8.99 8.37
N ALA A 387 -12.33 9.07 8.14
N ALA A 387 -12.18 9.00 8.36
N ALA A 387 -12.28 9.05 8.24
CA ALA A 387 -12.41 10.34 8.93
CA ALA A 387 -12.61 10.49 8.49
CA ALA A 387 -12.33 10.31 9.04
CA ALA A 387 -12.66 10.44 8.58
C ALA A 387 -11.18 10.76 9.70
C ALA A 387 -11.40 11.18 9.13
C ALA A 387 -11.04 10.65 9.79
C ALA A 387 -11.47 11.22 9.15
N GLY A 388 -10.60 11.88 9.30
N GLY A 388 -10.54 10.51 9.91
N GLY A 388 -10.42 11.77 9.43
N GLY A 388 -10.55 10.58 9.88
CA GLY A 388 -9.43 12.50 9.91
CA GLY A 388 -9.34 11.10 10.56
CA GLY A 388 -9.17 12.24 10.06
CA GLY A 388 -9.38 11.23 10.49
C GLY A 388 -8.19 12.14 9.12
C GLY A 388 -8.11 11.18 9.64
C GLY A 388 -7.94 11.76 9.31
C GLY A 388 -8.10 10.95 9.72
N ILE A 389 -8.27 11.14 8.24
N ILE A 389 -8.16 10.57 8.45
N ILE A 389 -8.13 10.94 8.26
N ILE A 389 -8.19 10.83 8.38
CA ILE A 389 -7.07 10.65 7.49
CA ILE A 389 -7.06 10.54 7.40
CA ILE A 389 -7.00 10.56 7.35
CA ILE A 389 -7.05 10.57 7.44
C ILE A 389 -6.98 11.53 6.23
C ILE A 389 -7.02 11.76 6.48
C ILE A 389 -6.96 11.58 6.21
C ILE A 389 -6.98 11.62 6.33
N GLY A 390 -8.12 12.07 5.79
CA GLY A 390 -8.18 13.05 4.70
C GLY A 390 -8.27 12.42 3.33
N ILE A 391 -8.24 11.08 3.30
N ILE A 391 -8.23 11.07 3.30
N ILE A 391 -8.13 11.09 3.20
N ILE A 391 -8.13 11.09 3.20
CA ILE A 391 -8.25 10.26 2.07
CA ILE A 391 -8.25 10.26 2.07
CA ILE A 391 -8.40 10.37 1.92
CA ILE A 391 -8.40 10.37 1.92
C ILE A 391 -8.87 8.87 2.32
C ILE A 391 -8.87 8.87 2.32
C ILE A 391 -8.90 8.97 2.27
C ILE A 391 -8.90 8.97 2.27
N ASN A 392 -9.65 8.38 1.36
CA ASN A 392 -10.08 6.98 1.44
C ASN A 392 -8.98 6.11 0.90
N ILE A 393 -8.83 4.94 1.49
N ILE A 393 -8.84 4.94 1.48
N ILE A 393 -8.73 4.98 1.55
N ILE A 393 -8.73 4.98 1.55
CA ILE A 393 -7.69 4.05 1.14
CA ILE A 393 -7.69 4.05 1.14
CA ILE A 393 -7.60 4.09 1.14
CA ILE A 393 -7.60 4.09 1.14
C ILE A 393 -8.21 2.66 0.88
C ILE A 393 -8.21 2.66 0.88
C ILE A 393 -8.12 2.68 0.90
C ILE A 393 -8.12 2.68 0.90
N PHE A 394 -8.04 2.22 -0.36
CA PHE A 394 -8.30 0.84 -0.73
C PHE A 394 -7.00 0.09 -0.48
N GLY A 395 -6.82 -0.33 0.75
N GLY A 395 -6.81 -0.33 0.75
N GLY A 395 -6.83 -0.35 0.77
N GLY A 395 -6.83 -0.35 0.77
CA GLY A 395 -5.62 -1.07 1.17
CA GLY A 395 -5.62 -1.07 1.16
CA GLY A 395 -5.67 -1.13 1.21
CA GLY A 395 -5.67 -1.13 1.21
C GLY A 395 -5.78 -2.56 0.92
C GLY A 395 -5.79 -2.55 0.93
C GLY A 395 -5.84 -2.59 0.90
C GLY A 395 -5.85 -2.60 0.90
N ASP A 396 -4.92 -3.32 1.56
N ASP A 396 -4.94 -3.31 1.55
N ASP A 396 -5.04 -3.43 1.52
N ASP A 396 -5.04 -3.43 1.52
CA ASP A 396 -4.78 -4.74 1.21
CA ASP A 396 -4.79 -4.74 1.21
CA ASP A 396 -4.88 -4.85 1.13
CA ASP A 396 -4.88 -4.85 1.13
C ASP A 396 -6.11 -5.50 1.35
C ASP A 396 -6.11 -5.50 1.36
C ASP A 396 -6.20 -5.60 1.32
C ASP A 396 -6.20 -5.60 1.32
N VAL A 397 -6.95 -5.16 2.31
N VAL A 397 -6.95 -5.16 2.32
N VAL A 397 -6.98 -5.25 2.34
N VAL A 397 -6.97 -5.26 2.34
CA VAL A 397 -8.25 -5.85 2.50
CA VAL A 397 -8.25 -5.86 2.50
CA VAL A 397 -8.31 -5.87 2.55
CA VAL A 397 -8.31 -5.87 2.55
C VAL A 397 -9.04 -5.82 1.20
C VAL A 397 -9.04 -5.82 1.19
C VAL A 397 -9.07 -5.83 1.23
C VAL A 397 -9.07 -5.83 1.23
N ALA A 398 -9.07 -4.69 0.54
CA ALA A 398 -9.75 -4.58 -0.76
C ALA A 398 -8.92 -5.17 -1.88
N LEU A 399 -7.66 -4.80 -1.95
CA LEU A 399 -6.87 -5.20 -3.13
C LEU A 399 -6.69 -6.69 -3.22
N LYS A 400 -6.60 -7.40 -2.09
N LYS A 400 -6.62 -7.40 -2.10
N LYS A 400 -6.61 -7.40 -2.08
N LYS A 400 -6.61 -7.41 -2.10
CA LYS A 400 -6.38 -8.85 -2.13
CA LYS A 400 -6.35 -8.84 -2.21
CA LYS A 400 -6.38 -8.85 -2.10
CA LYS A 400 -6.35 -8.87 -2.17
C LYS A 400 -7.58 -9.60 -2.68
C LYS A 400 -7.59 -9.60 -2.69
C LYS A 400 -7.59 -9.61 -2.66
C LYS A 400 -7.60 -9.63 -2.64
N ALA A 401 -8.75 -8.97 -2.74
CA ALA A 401 -9.93 -9.56 -3.37
C ALA A 401 -9.88 -9.44 -4.89
N ALA A 402 -8.89 -8.82 -5.46
CA ALA A 402 -8.86 -8.54 -6.90
C ALA A 402 -7.47 -8.84 -7.47
N PHE A 403 -7.44 -8.97 -8.79
CA PHE A 403 -6.23 -8.83 -9.59
C PHE A 403 -6.16 -7.37 -10.04
N VAL A 404 -5.14 -6.65 -9.69
CA VAL A 404 -5.11 -5.19 -9.87
C VAL A 404 -4.00 -4.81 -10.83
N VAL A 405 -4.33 -4.08 -11.86
CA VAL A 405 -3.41 -3.58 -12.86
C VAL A 405 -3.10 -2.13 -12.62
N PHE A 406 -1.84 -1.80 -12.43
CA PHE A 406 -1.38 -0.43 -12.30
C PHE A 406 -0.77 -0.07 -13.64
N ASN A 407 -1.56 0.62 -14.45
CA ASN A 407 -1.16 0.95 -15.84
C ASN A 407 -0.50 2.29 -15.86
N GLY A 408 0.80 2.30 -16.05
CA GLY A 408 1.66 3.49 -16.08
C GLY A 408 1.91 4.02 -17.47
N ALA A 409 1.03 3.82 -18.38
CA ALA A 409 1.04 4.51 -19.68
C ALA A 409 0.88 6.00 -19.48
N THR A 410 1.10 6.75 -20.58
CA THR A 410 1.16 8.23 -20.56
C THR A 410 -0.04 8.77 -19.78
N THR A 411 -1.21 8.19 -20.06
CA THR A 411 -2.43 8.40 -19.24
C THR A 411 -2.61 7.17 -18.34
N PRO A 412 -2.24 7.26 -17.06
CA PRO A 412 -2.36 6.08 -16.21
C PRO A 412 -3.79 5.68 -15.94
N THR A 413 -4.01 4.41 -15.73
CA THR A 413 -5.31 3.89 -15.34
C THR A 413 -5.10 2.76 -14.35
N LEU A 414 -6.12 2.42 -13.57
N LEU A 414 -6.20 2.23 -13.86
N LEU A 414 -6.14 2.41 -13.60
N LEU A 414 -6.20 2.26 -13.80
CA LEU A 414 -6.16 1.15 -12.80
CA LEU A 414 -6.18 1.19 -12.83
CA LEU A 414 -6.16 1.18 -12.77
CA LEU A 414 -6.19 1.21 -12.77
C LEU A 414 -7.09 0.18 -13.46
C LEU A 414 -7.21 0.14 -13.22
C LEU A 414 -7.12 0.18 -13.41
C LEU A 414 -7.22 0.15 -13.19
N GLY A 415 -6.81 -1.11 -13.32
CA GLY A 415 -7.70 -2.15 -13.70
C GLY A 415 -7.98 -3.09 -12.55
N PHE A 416 -9.18 -3.58 -12.43
CA PHE A 416 -9.56 -4.57 -11.44
C PHE A 416 -10.24 -5.72 -12.06
N ALA A 417 -9.89 -6.93 -11.71
CA ALA A 417 -10.60 -8.14 -12.11
C ALA A 417 -10.85 -8.98 -10.87
N SER A 418 -11.91 -9.74 -10.88
N SER A 418 -11.92 -9.75 -10.89
CA SER A 418 -12.11 -10.77 -9.85
CA SER A 418 -12.15 -10.83 -9.92
C SER A 418 -11.13 -11.91 -10.12
C SER A 418 -11.09 -11.91 -10.13
N LYS A 419 -10.95 -12.78 -9.13
CA LYS A 419 -9.98 -13.89 -9.27
C LYS A 419 -10.41 -15.09 -8.44
C4 RCV B . -3.20 3.35 8.08
C4 RCV B . -3.20 3.35 8.08
C5 RCV B . -3.31 4.32 7.10
C5 RCV B . -3.31 4.32 7.10
C6 RCV B . -2.25 4.59 6.25
C6 RCV B . -2.25 4.59 6.25
C7 RCV B . -1.05 3.90 6.38
C7 RCV B . -1.05 3.90 6.38
C8 RCV B . -0.93 2.93 7.38
C8 RCV B . -0.93 2.93 7.38
C9 RCV B . 0.10 4.17 5.46
C9 RCV B . 0.10 4.17 5.46
O1 RCV B . -1.41 -0.33 7.41
O1 RCV B . -1.41 -0.33 7.41
C1 RCV B . -0.53 -0.05 8.21
C1 RCV B . -0.54 -0.04 8.21
O RCV B . 0.64 -0.59 8.24
O RCV B . 0.64 -0.59 8.24
C RCV B . 0.93 -1.39 7.09
C RCV B . 0.93 -1.39 7.09
C2 RCV B . -0.65 0.96 9.33
C2 RCV B . -0.65 0.96 9.33
O2 RCV B . -1.86 1.69 9.18
O2 RCV B . -1.86 1.69 9.18
C3 RCV B . -2.00 2.65 8.21
C3 RCV B . -2.00 2.65 8.21
N RCV B . 0.54 2.95 4.73
N RCV B . 0.54 2.95 4.73
S DMS C . 5.84 4.53 15.46
O DMS C . 6.84 4.09 14.39
C1 DMS C . 6.18 6.25 15.76
C2 DMS C . 4.27 4.73 14.64
C1 GOL D . -27.29 -6.73 13.15
O1 GOL D . -27.39 -8.11 13.46
C2 GOL D . -28.15 -6.40 11.95
O2 GOL D . -29.10 -7.46 11.80
C3 GOL D . -28.81 -5.07 12.08
O3 GOL D . -29.73 -5.06 13.16
C1 GOL E . -12.50 -12.86 -5.73
C1 GOL E . -12.86 -13.55 -3.50
O1 GOL E . -12.38 -11.79 -6.68
O1 GOL E . -11.45 -13.43 -3.35
C2 GOL E . -12.93 -12.48 -4.33
C2 GOL E . -13.32 -13.10 -4.88
O2 GOL E . -14.33 -12.22 -4.27
O2 GOL E . -14.24 -12.02 -4.78
C3 GOL E . -12.64 -13.67 -3.43
C3 GOL E . -12.16 -12.66 -5.75
O3 GOL E . -13.47 -14.76 -3.81
O3 GOL E . -12.54 -11.62 -6.65
C1 GOL F . -14.19 10.94 3.86
C1 GOL F . -13.98 10.65 4.28
O1 GOL F . -15.38 11.49 4.41
O1 GOL F . -13.69 10.44 5.65
C2 GOL F . -13.12 11.97 3.55
C2 GOL F . -13.08 11.70 3.70
O2 GOL F . -12.87 12.80 4.68
O2 GOL F . -13.34 12.96 4.29
C3 GOL F . -11.83 11.29 3.19
C3 GOL F . -11.61 11.33 3.83
O3 GOL F . -11.18 10.82 4.36
O3 GOL F . -11.11 11.56 5.15
C1 GOL G . -25.77 -4.16 17.81
O1 GOL G . -26.11 -5.52 17.62
C2 GOL G . -24.47 -3.86 17.11
O2 GOL G . -23.74 -2.91 17.91
C3 GOL G . -24.67 -3.44 15.67
O3 GOL G . -23.50 -2.89 15.11
C ACT H . -11.24 -14.43 15.08
O ACT H . -10.79 -14.88 16.17
OXT ACT H . -10.49 -13.92 14.22
CH3 ACT H . -12.79 -14.45 14.79
O1 PG4 I . -4.28 -0.75 12.20
C1 PG4 I . -3.41 -1.31 11.21
C2 PG4 I . -3.84 -2.70 10.79
O2 PG4 I . -3.75 -3.60 11.88
C3 PG4 I . -4.42 -4.83 11.67
C4 PG4 I . -4.09 -5.79 12.77
O3 PG4 I . -4.89 -5.51 13.92
C5 PG4 I . -4.89 -6.55 14.88
C6 PG4 I . -5.69 -6.14 16.10
O4 PG4 I . -5.28 -4.84 16.50
C7 PG4 I . -6.03 -4.32 17.59
C8 PG4 I . -5.61 -2.92 17.87
O5 PG4 I . -5.52 -2.17 16.68
NA NA J . -3.94 -2.49 14.68
#